data_6TVG
#
_entry.id   6TVG
#
_cell.length_a   67.259
_cell.length_b   131.268
_cell.length_c   66.213
_cell.angle_alpha   90.000
_cell.angle_beta   90.000
_cell.angle_gamma   90.000
#
_symmetry.space_group_name_H-M   'P 21 21 2'
#
loop_
_entity.id
_entity.type
_entity.pdbx_description
1 polymer "5'-nucleotidase, ecto (CD73), isoform CRA_a"
2 non-polymer 'ZINC ION'
3 non-polymer 'PHOSPHOMETHYLPHOSPHONIC ACID ADENOSYL ESTER'
4 non-polymer 'SODIUM ION'
5 non-polymer 'CALCIUM ION'
6 water water
#
_entity_poly.entity_id   1
_entity_poly.type   'polypeptide(L)'
_entity_poly.pdbx_seq_one_letter_code
;MAHHHHHHVGTGSNDDDDKSPDPWELTILHTNDVHSRLEQTSEDSSKCVDASRCMGGVARLFTKVQQIRRAEPNVLLLDA
GDQYQGTIWFTVYKGAEVAHFMNALRYDAMALGNHEFDNGVEGLIEPLLKEAKFPILSANISASGPLASQISGLYLPYKV
LPVGDEVVGIVGYTSKETPFLSNPGTNLVFEDEITALQPEVDKLKTLNVNKIIALGHSGFEMDKLIAQKVRGVDVVVGGH
SNTFLYTGNPPSKEVPAGKYPFIVTSDDGRKVPVVQAYAFGKYLGYLKIEFDERGNVISSHGNPILLDSSIPEDPSIKAD
INKWRIKLDDYSTQELGKTIVYLDGSSQSCRFRECNMGNLICDAMINNNLRHADEMFWNHVSMCILNGGGIRSPIDERND
GTITWENLAAVLPFGGTFDLVQLKGSTLKKAFEHSVHRYGQSTGEFLQVGGIHVVYDLSRKPGDRVVKLDVLCTSCRVPS
YDPLKMDEVYKVILPNFLANGGDGFQMIKDELLRHDSGDQDINVVSTYISKMKVIYPAVEGRIKFS
;
_entity_poly.pdbx_strand_id   A
#
loop_
_chem_comp.id
_chem_comp.type
_chem_comp.name
_chem_comp.formula
AP2 non-polymer 'PHOSPHOMETHYLPHOSPHONIC ACID ADENOSYL ESTER' 'C11 H17 N5 O9 P2'
CA non-polymer 'CALCIUM ION' 'Ca 2'
NA non-polymer 'SODIUM ION' 'Na 1'
ZN non-polymer 'ZINC ION' 'Zn 2'
#
# COMPACT_ATOMS: atom_id res chain seq x y z
N PRO A 23 30.56 23.88 0.21
CA PRO A 23 29.18 23.40 0.26
C PRO A 23 29.08 22.18 1.15
N TRP A 24 27.96 22.05 1.83
CA TRP A 24 27.72 20.93 2.73
C TRP A 24 26.84 19.94 2.01
N GLU A 25 27.32 18.71 1.84
CA GLU A 25 26.62 17.73 1.02
C GLU A 25 25.93 16.71 1.91
N LEU A 26 24.65 16.49 1.63
CA LEU A 26 23.84 15.51 2.36
C LEU A 26 23.44 14.40 1.41
N THR A 27 23.60 13.15 1.84
CA THR A 27 23.07 11.99 1.12
C THR A 27 21.81 11.51 1.83
N ILE A 28 20.69 11.57 1.13
CA ILE A 28 19.42 11.07 1.63
C ILE A 28 19.15 9.71 1.00
N LEU A 29 19.08 8.69 1.85
CA LEU A 29 18.70 7.34 1.47
C LEU A 29 17.27 7.15 1.93
N HIS A 30 16.41 6.59 1.07
CA HIS A 30 15.00 6.57 1.43
C HIS A 30 14.26 5.36 0.85
N THR A 31 13.32 4.86 1.64
CA THR A 31 12.40 3.82 1.25
C THR A 31 10.98 4.30 1.53
N ASN A 32 10.03 3.66 0.85
CA ASN A 32 8.60 3.94 1.06
C ASN A 32 7.80 2.75 0.60
N ASP A 33 6.67 2.52 1.25
CA ASP A 33 5.75 1.46 0.86
C ASP A 33 6.45 0.11 0.74
N VAL A 34 7.36 -0.16 1.69
CA VAL A 34 8.03 -1.45 1.75
C VAL A 34 7.02 -2.58 1.93
N HIS A 35 5.94 -2.33 2.66
CA HIS A 35 4.81 -3.24 2.70
C HIS A 35 5.23 -4.68 3.01
N SER A 36 5.98 -4.83 4.10
CA SER A 36 6.21 -6.13 4.72
CA SER A 36 6.22 -6.13 4.72
C SER A 36 7.09 -7.05 3.87
N ARG A 37 7.83 -6.47 2.92
CA ARG A 37 8.77 -7.26 2.13
C ARG A 37 10.11 -7.40 2.87
N LEU A 38 10.04 -8.06 4.03
CA LEU A 38 11.24 -8.28 4.83
C LEU A 38 12.21 -9.20 4.10
N GLU A 39 11.68 -10.19 3.40
CA GLU A 39 12.48 -11.12 2.65
C GLU A 39 12.66 -10.61 1.22
N GLN A 40 13.76 -11.05 0.59
CA GLN A 40 13.89 -10.77 -0.82
C GLN A 40 12.72 -11.36 -1.60
N THR A 41 12.45 -10.75 -2.76
CA THR A 41 11.27 -11.03 -3.56
C THR A 41 11.67 -11.37 -4.99
N SER A 42 10.70 -11.86 -5.75
CA SER A 42 10.85 -11.92 -7.19
C SER A 42 10.84 -10.51 -7.78
N GLU A 43 11.10 -10.44 -9.08
CA GLU A 43 11.16 -9.16 -9.79
C GLU A 43 9.86 -8.37 -9.66
N ASP A 44 8.72 -9.05 -9.59
CA ASP A 44 7.43 -8.40 -9.45
C ASP A 44 7.01 -8.26 -8.00
N SER A 45 7.94 -8.47 -7.06
CA SER A 45 7.76 -8.26 -5.64
C SER A 45 6.90 -9.33 -4.97
N SER A 46 6.67 -10.46 -5.64
CA SER A 46 5.99 -11.58 -5.01
C SER A 46 7.04 -12.52 -4.42
N LYS A 47 6.63 -13.72 -4.04
CA LYS A 47 7.53 -14.64 -3.36
C LYS A 47 8.77 -14.93 -4.22
N CYS A 48 9.92 -14.93 -3.58
CA CYS A 48 11.16 -15.28 -4.25
C CYS A 48 11.18 -16.78 -4.55
N VAL A 49 11.39 -17.11 -5.83
CA VAL A 49 11.43 -18.50 -6.29
C VAL A 49 12.82 -18.89 -6.78
N ASP A 50 13.41 -18.08 -7.64
CA ASP A 50 14.74 -18.31 -8.18
C ASP A 50 15.67 -17.32 -7.50
N ALA A 51 16.27 -17.76 -6.38
CA ALA A 51 17.01 -16.85 -5.51
C ALA A 51 18.07 -16.06 -6.27
N SER A 52 18.74 -16.70 -7.24
CA SER A 52 19.79 -16.03 -7.98
C SER A 52 19.30 -14.80 -8.73
N ARG A 53 17.99 -14.62 -8.86
CA ARG A 53 17.42 -13.47 -9.54
C ARG A 53 16.48 -12.66 -8.63
N CYS A 54 16.53 -12.89 -7.32
CA CYS A 54 15.64 -12.19 -6.41
C CYS A 54 16.21 -10.83 -6.02
N MET A 55 15.40 -10.03 -5.36
CA MET A 55 15.71 -8.62 -5.19
C MET A 55 15.16 -8.13 -3.86
N GLY A 56 15.70 -6.99 -3.42
CA GLY A 56 15.12 -6.40 -2.23
C GLY A 56 15.40 -7.21 -0.96
N GLY A 57 14.52 -7.01 0.01
CA GLY A 57 14.67 -7.58 1.34
C GLY A 57 15.57 -6.73 2.22
N VAL A 58 15.39 -6.86 3.54
CA VAL A 58 16.13 -6.01 4.47
CA VAL A 58 16.12 -6.03 4.47
C VAL A 58 17.59 -6.44 4.57
N ALA A 59 17.90 -7.73 4.39
CA ALA A 59 19.30 -8.14 4.46
C ALA A 59 20.13 -7.51 3.34
N ARG A 60 19.58 -7.46 2.13
CA ARG A 60 20.26 -6.82 1.02
C ARG A 60 20.31 -5.31 1.19
N LEU A 61 19.21 -4.72 1.66
CA LEU A 61 19.20 -3.29 1.97
C LEU A 61 20.30 -2.93 2.96
N PHE A 62 20.46 -3.76 4.00
CA PHE A 62 21.51 -3.51 4.99
C PHE A 62 22.89 -3.42 4.33
N THR A 63 23.19 -4.35 3.45
CA THR A 63 24.47 -4.35 2.77
C THR A 63 24.70 -3.02 2.07
N LYS A 64 23.70 -2.56 1.31
CA LYS A 64 23.89 -1.36 0.51
C LYS A 64 23.97 -0.11 1.38
N VAL A 65 23.10 0.01 2.38
CA VAL A 65 23.18 1.16 3.29
C VAL A 65 24.54 1.22 3.96
N GLN A 66 25.04 0.07 4.43
CA GLN A 66 26.33 0.03 5.11
C GLN A 66 27.45 0.51 4.19
N GLN A 67 27.42 0.05 2.93
CA GLN A 67 28.43 0.50 1.96
CA GLN A 67 28.42 0.49 1.96
C GLN A 67 28.39 2.01 1.79
N ILE A 68 27.19 2.57 1.66
CA ILE A 68 27.08 4.00 1.40
C ILE A 68 27.53 4.78 2.62
N ARG A 69 27.20 4.29 3.81
CA ARG A 69 27.64 4.96 5.03
C ARG A 69 29.14 4.90 5.23
N ARG A 70 29.84 3.91 4.65
CA ARG A 70 31.30 3.94 4.67
C ARG A 70 31.84 5.07 3.81
N ALA A 71 31.13 5.40 2.74
CA ALA A 71 31.65 6.28 1.69
C ALA A 71 31.24 7.74 1.84
N GLU A 72 30.08 8.03 2.42
CA GLU A 72 29.53 9.38 2.45
C GLU A 72 29.45 9.88 3.88
N PRO A 73 29.98 11.07 4.18
CA PRO A 73 30.04 11.49 5.59
C PRO A 73 28.71 11.86 6.20
N ASN A 74 27.80 12.46 5.44
CA ASN A 74 26.54 12.98 5.99
C ASN A 74 25.41 12.20 5.32
N VAL A 75 24.82 11.26 6.06
CA VAL A 75 23.83 10.36 5.51
C VAL A 75 22.62 10.35 6.44
N LEU A 76 21.43 10.44 5.86
CA LEU A 76 20.20 10.14 6.55
C LEU A 76 19.49 9.02 5.82
N LEU A 77 18.96 8.07 6.60
CA LEU A 77 18.14 6.98 6.08
C LEU A 77 16.72 7.19 6.56
N LEU A 78 15.81 7.41 5.62
CA LEU A 78 14.45 7.83 5.92
C LEU A 78 13.46 6.85 5.30
N ASP A 79 12.33 6.67 5.98
CA ASP A 79 11.23 5.87 5.45
C ASP A 79 9.97 6.74 5.42
N ALA A 80 9.27 6.73 4.28
CA ALA A 80 8.11 7.59 4.08
C ALA A 80 6.80 6.88 4.35
N GLY A 81 6.84 5.78 5.11
CA GLY A 81 5.62 5.17 5.62
C GLY A 81 5.23 3.92 4.85
N ASP A 82 4.25 3.22 5.42
CA ASP A 82 3.69 2.00 4.85
C ASP A 82 4.70 0.85 4.85
N GLN A 83 5.39 0.70 5.99
CA GLN A 83 6.04 -0.57 6.31
C GLN A 83 5.02 -1.64 6.66
N TYR A 84 3.97 -1.27 7.39
CA TYR A 84 2.90 -2.20 7.72
C TYR A 84 2.20 -2.71 6.46
N GLN A 85 1.73 -3.95 6.56
CA GLN A 85 0.79 -4.62 5.64
C GLN A 85 1.46 -5.10 4.36
N GLY A 86 1.31 -6.39 4.03
CA GLY A 86 1.75 -6.88 2.74
C GLY A 86 2.11 -8.36 2.66
N THR A 87 2.58 -8.96 3.74
CA THR A 87 2.91 -10.38 3.76
C THR A 87 2.58 -10.98 5.11
N ILE A 88 2.75 -12.30 5.19
CA ILE A 88 2.54 -13.05 6.42
C ILE A 88 3.40 -12.51 7.57
N TRP A 89 4.51 -11.84 7.27
CA TRP A 89 5.30 -11.20 8.32
C TRP A 89 4.44 -10.27 9.16
N PHE A 90 3.66 -9.42 8.51
CA PHE A 90 2.80 -8.48 9.24
C PHE A 90 1.65 -9.21 9.91
N THR A 91 1.07 -10.21 9.24
CA THR A 91 -0.01 -10.99 9.84
C THR A 91 0.40 -11.55 11.21
N VAL A 92 1.62 -12.08 11.29
CA VAL A 92 2.08 -12.79 12.49
C VAL A 92 2.69 -11.84 13.50
N TYR A 93 3.59 -10.97 13.06
CA TYR A 93 4.36 -10.14 13.98
C TYR A 93 3.75 -8.76 14.21
N LYS A 94 2.83 -8.33 13.37
CA LYS A 94 1.95 -7.18 13.65
C LYS A 94 2.71 -5.89 13.91
N GLY A 95 3.86 -5.72 13.25
CA GLY A 95 4.66 -4.53 13.39
C GLY A 95 5.90 -4.70 14.22
N ALA A 96 5.99 -5.78 15.02
CA ALA A 96 7.22 -5.99 15.78
C ALA A 96 8.40 -6.24 14.85
N GLU A 97 8.13 -6.84 13.70
CA GLU A 97 9.18 -7.06 12.72
C GLU A 97 9.65 -5.75 12.11
N VAL A 98 8.74 -4.78 11.97
CA VAL A 98 9.11 -3.47 11.44
C VAL A 98 10.04 -2.75 12.40
N ALA A 99 9.65 -2.65 13.67
CA ALA A 99 10.52 -2.02 14.65
C ALA A 99 11.87 -2.73 14.70
N HIS A 100 11.85 -4.07 14.73
CA HIS A 100 13.10 -4.79 14.92
C HIS A 100 14.07 -4.58 13.76
N PHE A 101 13.59 -4.77 12.53
CA PHE A 101 14.49 -4.68 11.38
C PHE A 101 14.78 -3.25 10.97
N MET A 102 13.83 -2.32 11.13
CA MET A 102 14.20 -0.91 10.94
C MET A 102 15.20 -0.44 11.98
N ASN A 103 15.09 -0.94 13.22
CA ASN A 103 16.11 -0.61 14.22
C ASN A 103 17.48 -1.17 13.82
N ALA A 104 17.50 -2.38 13.29
CA ALA A 104 18.76 -3.00 12.88
C ALA A 104 19.42 -2.25 11.74
N LEU A 105 18.62 -1.69 10.84
CA LEU A 105 19.14 -0.88 9.75
C LEU A 105 19.49 0.54 10.20
N ARG A 106 19.15 0.91 11.43
CA ARG A 106 19.41 2.23 11.96
C ARG A 106 18.79 3.33 11.09
N TYR A 107 17.52 3.16 10.78
CA TYR A 107 16.79 4.28 10.19
C TYR A 107 16.88 5.51 11.09
N ASP A 108 16.92 6.69 10.46
CA ASP A 108 17.00 7.94 11.20
C ASP A 108 15.64 8.55 11.50
N ALA A 109 14.64 8.30 10.66
CA ALA A 109 13.29 8.77 10.90
C ALA A 109 12.34 8.08 9.95
N MET A 110 11.07 8.06 10.32
CA MET A 110 10.01 7.47 9.52
C MET A 110 8.77 8.33 9.66
N ALA A 111 8.04 8.51 8.56
CA ALA A 111 6.73 9.14 8.59
C ALA A 111 5.64 8.08 8.64
N LEU A 112 4.54 8.40 9.30
CA LEU A 112 3.40 7.50 9.37
C LEU A 112 2.69 7.46 8.03
N GLY A 113 2.47 6.25 7.52
CA GLY A 113 1.64 6.02 6.36
C GLY A 113 0.24 5.58 6.76
N ASN A 114 -0.63 5.46 5.75
CA ASN A 114 -1.99 5.02 6.05
C ASN A 114 -2.03 3.62 6.63
N HIS A 115 -1.22 2.71 6.11
CA HIS A 115 -1.30 1.33 6.58
C HIS A 115 -0.74 1.13 7.99
N GLU A 116 -0.01 2.12 8.53
CA GLU A 116 0.37 2.03 9.94
C GLU A 116 -0.85 2.06 10.86
N PHE A 117 -2.04 2.35 10.35
CA PHE A 117 -3.26 2.35 11.14
C PHE A 117 -4.14 1.12 10.89
N ASP A 118 -3.63 0.12 10.17
CA ASP A 118 -4.45 -1.02 9.79
C ASP A 118 -4.94 -1.79 11.00
N ASN A 119 -4.15 -1.84 12.08
CA ASN A 119 -4.56 -2.50 13.31
C ASN A 119 -4.99 -1.50 14.38
N GLY A 120 -5.49 -0.35 13.96
CA GLY A 120 -5.95 0.65 14.89
C GLY A 120 -4.79 1.41 15.51
N VAL A 121 -5.15 2.45 16.27
CA VAL A 121 -4.12 3.20 16.99
CA VAL A 121 -4.11 3.20 16.97
C VAL A 121 -3.39 2.29 17.96
N GLU A 122 -4.12 1.34 18.57
CA GLU A 122 -3.51 0.44 19.52
C GLU A 122 -2.42 -0.40 18.87
N GLY A 123 -2.65 -0.84 17.62
CA GLY A 123 -1.68 -1.64 16.89
C GLY A 123 -0.54 -0.86 16.30
N LEU A 124 -0.61 0.46 16.41
CA LEU A 124 0.49 1.34 16.05
C LEU A 124 1.34 1.67 17.27
N ILE A 125 0.68 2.09 18.36
CA ILE A 125 1.38 2.43 19.59
C ILE A 125 2.26 1.26 20.05
N GLU A 126 1.70 0.07 20.14
N GLU A 126 1.64 0.07 20.15
CA GLU A 126 2.39 -0.92 20.97
CA GLU A 126 2.28 -1.21 20.39
C GLU A 126 3.57 -1.56 20.25
C GLU A 126 2.10 -2.03 19.12
N PRO A 127 3.39 -2.08 19.04
N PRO A 127 3.16 -2.45 18.44
CA PRO A 127 4.52 -2.73 18.37
CA PRO A 127 4.59 -2.44 18.80
C PRO A 127 5.47 -1.74 17.71
C PRO A 127 5.41 -1.21 18.36
N LEU A 128 5.00 -0.57 17.28
CA LEU A 128 5.90 0.32 16.54
C LEU A 128 6.34 1.54 17.33
N LEU A 129 5.40 2.37 17.78
CA LEU A 129 5.83 3.63 18.38
C LEU A 129 6.65 3.38 19.63
N LYS A 130 6.29 2.36 20.41
CA LYS A 130 7.01 2.14 21.67
C LYS A 130 8.34 1.43 21.48
N GLU A 131 8.56 0.76 20.35
CA GLU A 131 9.78 -0.03 20.16
C GLU A 131 10.76 0.57 19.17
N ALA A 132 10.34 1.51 18.31
CA ALA A 132 11.27 2.13 17.38
C ALA A 132 12.31 2.95 18.12
N LYS A 133 13.56 2.87 17.66
CA LYS A 133 14.64 3.66 18.22
C LYS A 133 14.89 4.95 17.45
N PHE A 134 14.00 5.28 16.52
CA PHE A 134 14.09 6.48 15.71
C PHE A 134 12.76 7.21 15.82
N PRO A 135 12.75 8.50 15.56
CA PRO A 135 11.50 9.25 15.63
C PRO A 135 10.54 8.90 14.50
N ILE A 136 9.26 8.88 14.84
CA ILE A 136 8.19 8.58 13.91
C ILE A 136 7.33 9.82 13.85
N LEU A 137 7.06 10.29 12.63
CA LEU A 137 6.66 11.67 12.40
C LEU A 137 5.34 11.79 11.65
N SER A 138 4.52 12.74 12.09
CA SER A 138 3.41 13.25 11.30
C SER A 138 2.89 14.53 11.94
N ALA A 139 2.93 15.63 11.20
CA ALA A 139 2.52 16.93 11.71
C ALA A 139 1.04 17.22 11.52
N ASN A 140 0.29 16.38 10.79
CA ASN A 140 -1.10 16.68 10.47
C ASN A 140 -2.08 15.68 11.08
N ILE A 141 -1.67 14.95 12.10
CA ILE A 141 -2.55 14.05 12.85
C ILE A 141 -2.68 14.58 14.25
N SER A 142 -3.91 14.82 14.70
CA SER A 142 -4.14 15.28 16.05
C SER A 142 -5.12 14.34 16.74
N ALA A 143 -4.97 14.26 18.06
CA ALA A 143 -5.78 13.37 18.88
C ALA A 143 -6.54 14.19 19.91
N SER A 144 -7.62 13.60 20.40
CA SER A 144 -8.45 14.24 21.39
C SER A 144 -8.81 13.20 22.44
N GLY A 145 -9.36 13.67 23.55
CA GLY A 145 -9.77 12.79 24.62
C GLY A 145 -8.59 12.09 25.27
N PRO A 146 -8.89 11.05 26.05
CA PRO A 146 -7.82 10.28 26.67
C PRO A 146 -6.75 9.82 25.70
N LEU A 147 -7.10 9.52 24.45
CA LEU A 147 -6.07 9.12 23.49
C LEU A 147 -4.97 10.17 23.39
N ALA A 148 -5.33 11.45 23.46
CA ALA A 148 -4.29 12.47 23.30
C ALA A 148 -3.20 12.32 24.36
N SER A 149 -3.60 12.06 25.61
CA SER A 149 -2.62 11.87 26.67
C SER A 149 -1.86 10.57 26.51
N GLN A 150 -2.55 9.52 26.05
CA GLN A 150 -1.91 8.22 25.88
C GLN A 150 -0.83 8.27 24.80
N ILE A 151 -1.06 9.03 23.71
CA ILE A 151 -0.17 8.99 22.55
C ILE A 151 0.81 10.17 22.52
N SER A 152 0.67 11.14 23.42
CA SER A 152 1.47 12.35 23.36
C SER A 152 2.95 12.05 23.33
N GLY A 153 3.62 12.57 22.29
CA GLY A 153 5.05 12.42 22.17
C GLY A 153 5.51 11.14 21.53
N LEU A 154 4.62 10.16 21.33
CA LEU A 154 5.02 8.89 20.74
C LEU A 154 5.18 8.99 19.22
N TYR A 155 4.51 9.94 18.60
CA TYR A 155 4.86 10.44 17.27
C TYR A 155 4.94 11.96 17.41
N LEU A 156 5.71 12.56 16.50
CA LEU A 156 6.06 13.97 16.60
C LEU A 156 5.78 14.68 15.28
N PRO A 157 5.50 15.98 15.32
CA PRO A 157 5.33 16.71 14.05
C PRO A 157 6.62 16.76 13.25
N TYR A 158 7.76 16.86 13.93
CA TYR A 158 9.06 16.95 13.28
C TYR A 158 10.10 16.51 14.30
N LYS A 159 11.31 16.29 13.81
CA LYS A 159 12.48 16.12 14.67
C LYS A 159 13.65 16.83 14.02
N VAL A 160 14.45 17.53 14.84
CA VAL A 160 15.69 18.13 14.37
C VAL A 160 16.81 17.14 14.68
N LEU A 161 17.54 16.73 13.63
CA LEU A 161 18.56 15.70 13.76
C LEU A 161 19.94 16.28 13.54
N PRO A 162 20.91 15.96 14.38
CA PRO A 162 22.30 16.32 14.08
C PRO A 162 22.84 15.44 12.97
N VAL A 163 23.52 16.06 12.02
CA VAL A 163 24.20 15.37 10.93
C VAL A 163 25.56 16.03 10.81
N GLY A 164 26.62 15.30 11.14
CA GLY A 164 27.92 15.95 11.17
C GLY A 164 27.87 17.10 12.15
N ASP A 165 28.36 18.26 11.72
CA ASP A 165 28.34 19.46 12.54
C ASP A 165 27.11 20.33 12.27
N GLU A 166 26.16 19.85 11.49
CA GLU A 166 24.97 20.60 11.12
C GLU A 166 23.74 19.96 11.76
N VAL A 167 22.59 20.60 11.57
CA VAL A 167 21.31 20.01 11.92
C VAL A 167 20.39 20.07 10.71
N VAL A 168 19.49 19.09 10.63
CA VAL A 168 18.49 19.00 9.58
C VAL A 168 17.14 18.75 10.25
N GLY A 169 16.15 19.58 9.90
CA GLY A 169 14.80 19.35 10.37
C GLY A 169 14.06 18.44 9.43
N ILE A 170 13.35 17.46 9.99
CA ILE A 170 12.51 16.55 9.23
CA ILE A 170 12.52 16.53 9.24
C ILE A 170 11.09 16.71 9.75
N VAL A 171 10.18 17.09 8.87
N VAL A 171 10.19 17.13 8.87
CA VAL A 171 8.78 17.34 9.21
CA VAL A 171 8.78 17.34 9.21
C VAL A 171 7.92 16.32 8.50
C VAL A 171 7.96 16.28 8.51
N GLY A 172 7.06 15.62 9.24
CA GLY A 172 6.27 14.54 8.70
C GLY A 172 4.86 14.93 8.29
N TYR A 173 4.27 14.09 7.42
CA TYR A 173 2.86 14.23 7.07
C TYR A 173 2.29 12.89 6.61
N THR A 174 0.96 12.76 6.73
CA THR A 174 0.25 11.53 6.43
C THR A 174 -1.04 11.84 5.68
N SER A 175 -1.38 10.99 4.71
CA SER A 175 -2.55 11.21 3.87
C SER A 175 -3.78 11.62 4.67
N LYS A 176 -4.38 12.74 4.27
CA LYS A 176 -5.66 13.16 4.83
C LYS A 176 -6.75 12.12 4.60
N GLU A 177 -6.57 11.24 3.62
CA GLU A 177 -7.54 10.20 3.27
C GLU A 177 -7.40 8.93 4.11
N THR A 178 -6.47 8.90 5.06
CA THR A 178 -6.28 7.69 5.87
C THR A 178 -7.58 7.11 6.45
N PRO A 179 -8.56 7.88 6.90
CA PRO A 179 -9.79 7.26 7.44
C PRO A 179 -10.52 6.38 6.45
N PHE A 180 -10.34 6.60 5.13
CA PHE A 180 -10.96 5.76 4.13
C PHE A 180 -10.08 4.61 3.68
N LEU A 181 -8.82 4.59 4.12
CA LEU A 181 -7.80 3.70 3.60
C LEU A 181 -7.13 2.87 4.69
N SER A 182 -7.66 2.89 5.90
CA SER A 182 -7.14 2.15 7.04
C SER A 182 -8.13 2.31 8.18
N ASN A 183 -7.70 1.97 9.38
CA ASN A 183 -8.59 1.86 10.54
C ASN A 183 -8.12 2.75 11.70
N PRO A 184 -7.96 4.05 11.47
CA PRO A 184 -7.41 4.91 12.53
C PRO A 184 -8.34 5.15 13.70
N GLY A 185 -9.63 4.86 13.57
CA GLY A 185 -10.56 5.13 14.65
C GLY A 185 -11.16 6.51 14.52
N THR A 186 -11.97 6.89 15.51
CA THR A 186 -12.68 8.15 15.46
C THR A 186 -12.12 9.22 16.37
N ASN A 187 -11.04 8.98 17.05
N ASN A 187 -10.97 8.96 17.02
CA ASN A 187 -10.46 10.09 17.80
CA ASN A 187 -10.30 9.86 17.97
C ASN A 187 -9.61 10.93 16.87
C ASN A 187 -9.04 10.51 17.40
N LEU A 188 -8.73 10.29 16.13
CA LEU A 188 -7.68 10.99 15.42
C LEU A 188 -8.30 11.79 14.29
N VAL A 189 -7.73 12.97 14.03
CA VAL A 189 -8.15 13.83 12.95
C VAL A 189 -6.95 14.05 12.03
N PHE A 190 -7.16 13.83 10.74
CA PHE A 190 -6.13 14.02 9.73
C PHE A 190 -6.40 15.36 9.05
N GLU A 191 -5.55 16.34 9.31
CA GLU A 191 -5.71 17.69 8.81
C GLU A 191 -5.08 17.80 7.43
N ASP A 192 -5.50 18.83 6.71
CA ASP A 192 -4.88 19.16 5.43
C ASP A 192 -3.37 19.30 5.63
N GLU A 193 -2.61 18.66 4.73
CA GLU A 193 -1.17 18.56 4.90
C GLU A 193 -0.49 19.94 4.89
N ILE A 194 -0.78 20.73 3.87
CA ILE A 194 -0.10 22.03 3.72
C ILE A 194 -0.45 22.96 4.87
N THR A 195 -1.72 22.94 5.30
CA THR A 195 -2.16 23.76 6.42
C THR A 195 -1.37 23.44 7.68
N ALA A 196 -1.15 22.15 7.95
CA ALA A 196 -0.45 21.72 9.15
C ALA A 196 1.05 21.93 9.05
N LEU A 197 1.61 21.71 7.85
CA LEU A 197 3.05 21.75 7.67
C LEU A 197 3.61 23.15 7.79
N GLN A 198 2.95 24.15 7.20
CA GLN A 198 3.55 25.47 7.10
C GLN A 198 3.95 26.06 8.45
N PRO A 199 3.09 26.07 9.47
CA PRO A 199 3.53 26.66 10.75
C PRO A 199 4.69 25.92 11.36
N GLU A 200 4.78 24.60 11.15
CA GLU A 200 5.88 23.86 11.75
C GLU A 200 7.19 24.23 11.07
N VAL A 201 7.17 24.37 9.75
CA VAL A 201 8.37 24.74 9.02
C VAL A 201 8.79 26.17 9.38
N ASP A 202 7.84 27.08 9.50
CA ASP A 202 8.19 28.44 9.93
C ASP A 202 8.74 28.44 11.35
N LYS A 203 8.19 27.61 12.23
CA LYS A 203 8.74 27.50 13.58
C LYS A 203 10.20 27.04 13.54
N LEU A 204 10.49 26.03 12.72
CA LEU A 204 11.87 25.55 12.63
C LEU A 204 12.82 26.65 12.16
N LYS A 205 12.38 27.49 11.20
CA LYS A 205 13.21 28.61 10.78
C LYS A 205 13.53 29.52 11.96
N THR A 206 12.54 29.78 12.83
CA THR A 206 12.82 30.68 13.95
C THR A 206 13.78 30.07 14.94
N LEU A 207 13.97 28.76 14.88
CA LEU A 207 14.87 28.03 15.76
C LEU A 207 16.24 27.79 15.12
N ASN A 208 16.53 28.49 14.03
CA ASN A 208 17.84 28.43 13.40
C ASN A 208 18.09 27.09 12.72
N VAL A 209 17.03 26.46 12.24
CA VAL A 209 17.14 25.23 11.46
C VAL A 209 16.89 25.63 10.01
N ASN A 210 17.95 25.63 9.18
CA ASN A 210 17.87 26.18 7.83
C ASN A 210 17.85 25.13 6.73
N LYS A 211 17.87 23.84 7.09
CA LYS A 211 17.75 22.74 6.14
C LYS A 211 16.58 21.88 6.60
N ILE A 212 15.59 21.73 5.73
N ILE A 212 15.59 21.73 5.71
CA ILE A 212 14.30 21.14 6.10
CA ILE A 212 14.29 21.17 6.04
C ILE A 212 13.86 20.14 5.04
C ILE A 212 13.94 20.11 5.00
N ILE A 213 13.66 18.90 5.45
CA ILE A 213 13.13 17.82 4.63
C ILE A 213 11.69 17.59 5.04
N ALA A 214 10.78 17.55 4.07
CA ALA A 214 9.41 17.12 4.31
C ALA A 214 9.33 15.65 3.94
N LEU A 215 9.01 14.81 4.91
CA LEU A 215 8.97 13.36 4.74
C LEU A 215 7.56 12.90 5.03
N GLY A 216 6.89 12.31 4.04
CA GLY A 216 5.50 12.00 4.33
C GLY A 216 4.85 11.11 3.31
N HIS A 217 3.54 10.87 3.56
CA HIS A 217 2.85 9.74 2.99
C HIS A 217 1.48 10.15 2.47
N SER A 218 1.47 10.91 1.38
CA SER A 218 0.23 11.37 0.78
C SER A 218 0.14 11.15 -0.72
N GLY A 219 1.22 10.72 -1.38
CA GLY A 219 1.20 10.51 -2.80
C GLY A 219 1.95 11.60 -3.54
N PHE A 220 2.44 11.23 -4.74
CA PHE A 220 3.26 12.11 -5.56
C PHE A 220 2.57 13.43 -5.86
N GLU A 221 1.26 13.41 -6.16
CA GLU A 221 0.60 14.66 -6.47
C GLU A 221 0.61 15.63 -5.29
N MET A 222 0.31 15.12 -4.09
CA MET A 222 0.36 16.00 -2.92
C MET A 222 1.80 16.40 -2.62
N ASP A 223 2.77 15.51 -2.86
CA ASP A 223 4.16 15.86 -2.63
C ASP A 223 4.55 17.07 -3.46
N LYS A 224 4.11 17.11 -4.72
CA LYS A 224 4.43 18.25 -5.60
C LYS A 224 3.79 19.53 -5.08
N LEU A 225 2.58 19.43 -4.54
CA LEU A 225 1.92 20.63 -4.01
C LEU A 225 2.65 21.13 -2.77
N ILE A 226 3.11 20.21 -1.92
CA ILE A 226 3.89 20.59 -0.74
C ILE A 226 5.18 21.29 -1.16
N ALA A 227 5.90 20.71 -2.11
CA ALA A 227 7.11 21.32 -2.61
C ALA A 227 6.85 22.72 -3.16
N GLN A 228 5.71 22.89 -3.84
CA GLN A 228 5.40 24.19 -4.43
C GLN A 228 5.03 25.22 -3.37
N LYS A 229 4.24 24.81 -2.38
CA LYS A 229 3.51 25.77 -1.55
C LYS A 229 4.00 25.93 -0.12
N VAL A 230 4.70 24.94 0.45
CA VAL A 230 5.16 25.05 1.83
C VAL A 230 6.52 25.73 1.80
N ARG A 231 6.52 27.02 2.12
CA ARG A 231 7.73 27.82 2.09
C ARG A 231 8.73 27.28 3.10
N GLY A 232 9.97 27.13 2.65
CA GLY A 232 11.04 26.68 3.51
C GLY A 232 11.38 25.22 3.40
N VAL A 233 10.57 24.44 2.69
CA VAL A 233 10.87 23.03 2.46
C VAL A 233 11.94 22.95 1.37
N ASP A 234 13.05 22.27 1.69
CA ASP A 234 14.14 22.15 0.73
C ASP A 234 14.04 20.89 -0.13
N VAL A 235 13.46 19.81 0.39
CA VAL A 235 13.36 18.52 -0.28
CA VAL A 235 13.31 18.56 -0.35
C VAL A 235 12.08 17.85 0.20
N VAL A 236 11.37 17.17 -0.69
CA VAL A 236 10.20 16.35 -0.33
C VAL A 236 10.52 14.89 -0.63
N VAL A 237 10.39 14.04 0.39
CA VAL A 237 10.58 12.60 0.30
C VAL A 237 9.24 11.95 0.59
N GLY A 238 8.65 11.34 -0.44
CA GLY A 238 7.29 10.90 -0.38
C GLY A 238 7.05 9.41 -0.59
N GLY A 239 5.78 9.08 -0.76
CA GLY A 239 5.35 7.70 -0.82
C GLY A 239 3.89 7.61 -1.18
N HIS A 240 3.30 6.47 -0.85
CA HIS A 240 1.87 6.16 -0.95
C HIS A 240 1.44 5.71 -2.33
N SER A 241 1.84 6.46 -3.37
CA SER A 241 1.48 6.20 -4.76
C SER A 241 2.44 5.23 -5.46
N ASN A 242 3.43 4.69 -4.76
CA ASN A 242 4.36 3.71 -5.33
C ASN A 242 5.05 4.29 -6.57
N THR A 243 5.38 5.57 -6.51
CA THR A 243 5.85 6.27 -7.70
C THR A 243 7.30 5.95 -7.96
N PHE A 244 7.59 5.53 -9.19
CA PHE A 244 8.96 5.29 -9.64
C PHE A 244 9.42 6.49 -10.46
N LEU A 245 10.50 7.10 -10.03
CA LEU A 245 11.15 8.21 -10.72
C LEU A 245 12.57 7.78 -11.07
N TYR A 246 13.04 8.16 -12.25
CA TYR A 246 14.37 7.77 -12.68
C TYR A 246 14.92 8.77 -13.68
N THR A 247 16.23 9.03 -13.60
CA THR A 247 16.94 9.84 -14.59
C THR A 247 17.86 8.94 -15.39
N GLY A 248 17.45 8.66 -16.63
CA GLY A 248 18.22 7.82 -17.52
C GLY A 248 17.45 6.59 -17.92
N ASN A 249 18.16 5.59 -18.43
N ASN A 249 18.16 5.62 -18.50
CA ASN A 249 17.51 4.37 -18.84
CA ASN A 249 17.52 4.35 -18.81
C ASN A 249 17.19 3.51 -17.60
C ASN A 249 17.15 3.66 -17.51
N PRO A 250 15.93 3.15 -17.36
CA PRO A 250 15.59 2.48 -16.11
C PRO A 250 16.28 1.13 -16.00
N PRO A 251 16.54 0.66 -14.78
CA PRO A 251 17.33 -0.57 -14.61
C PRO A 251 16.50 -1.85 -14.59
N SER A 252 15.18 -1.77 -14.50
CA SER A 252 14.33 -2.95 -14.39
C SER A 252 13.05 -2.69 -15.17
N LYS A 253 11.92 -3.32 -14.77
CA LYS A 253 10.69 -3.26 -15.54
C LYS A 253 9.81 -2.05 -15.20
N GLU A 254 10.06 -1.39 -14.08
CA GLU A 254 9.22 -0.26 -13.72
C GLU A 254 9.49 0.90 -14.67
N VAL A 255 8.42 1.53 -15.13
CA VAL A 255 8.50 2.63 -16.08
C VAL A 255 8.41 3.94 -15.29
N PRO A 256 9.36 4.86 -15.45
CA PRO A 256 9.35 6.08 -14.65
C PRO A 256 8.19 6.99 -14.97
N ALA A 257 7.66 7.62 -13.92
CA ALA A 257 6.63 8.64 -14.04
C ALA A 257 7.23 10.02 -14.30
N GLY A 258 8.54 10.14 -14.14
CA GLY A 258 9.25 11.40 -14.29
C GLY A 258 10.70 11.18 -13.91
N LYS A 259 11.45 12.28 -13.98
CA LYS A 259 12.86 12.27 -13.62
C LYS A 259 13.05 12.14 -12.10
N TYR A 260 14.24 11.70 -11.70
CA TYR A 260 14.65 11.65 -10.30
C TYR A 260 15.84 12.59 -10.07
N PRO A 261 15.74 13.59 -9.21
CA PRO A 261 14.51 13.99 -8.52
C PRO A 261 13.57 14.67 -9.50
N PHE A 262 12.31 14.79 -9.12
CA PHE A 262 11.35 15.58 -9.89
C PHE A 262 11.39 17.00 -9.34
N ILE A 263 11.72 17.97 -10.19
CA ILE A 263 11.96 19.34 -9.71
C ILE A 263 10.67 20.12 -9.78
N VAL A 264 10.24 20.66 -8.65
CA VAL A 264 9.12 21.59 -8.56
C VAL A 264 9.70 22.98 -8.33
N THR A 265 9.18 23.97 -9.03
CA THR A 265 9.53 25.35 -8.75
C THR A 265 8.58 25.89 -7.70
N SER A 266 9.12 26.30 -6.57
CA SER A 266 8.27 26.73 -5.48
C SER A 266 7.69 28.11 -5.77
N ASP A 267 6.65 28.44 -5.00
CA ASP A 267 6.04 29.76 -5.13
C ASP A 267 7.05 30.89 -4.96
N ASP A 268 8.09 30.67 -4.16
CA ASP A 268 9.10 31.71 -3.97
C ASP A 268 10.33 31.53 -4.85
N GLY A 269 10.26 30.68 -5.87
CA GLY A 269 11.29 30.64 -6.89
C GLY A 269 12.37 29.59 -6.72
N ARG A 270 12.37 28.82 -5.64
CA ARG A 270 13.39 27.80 -5.42
C ARG A 270 13.08 26.55 -6.22
N LYS A 271 14.13 25.81 -6.52
CA LYS A 271 13.99 24.50 -7.14
C LYS A 271 13.99 23.44 -6.05
N VAL A 272 12.88 22.72 -5.91
CA VAL A 272 12.66 21.82 -4.79
C VAL A 272 12.58 20.40 -5.36
N PRO A 273 13.54 19.54 -5.04
CA PRO A 273 13.46 18.15 -5.49
C PRO A 273 12.42 17.36 -4.73
N VAL A 274 11.67 16.56 -5.48
CA VAL A 274 10.68 15.63 -4.94
C VAL A 274 11.13 14.23 -5.34
N VAL A 275 11.20 13.34 -4.38
CA VAL A 275 11.64 11.97 -4.61
C VAL A 275 10.65 10.97 -4.03
N GLN A 276 10.67 9.78 -4.63
CA GLN A 276 9.96 8.60 -4.18
C GLN A 276 10.77 7.44 -4.74
N ALA A 277 10.52 6.24 -4.22
CA ALA A 277 11.34 5.09 -4.58
C ALA A 277 10.48 3.84 -4.74
N TYR A 278 9.44 3.94 -5.58
CA TYR A 278 8.59 2.80 -5.95
C TYR A 278 7.99 2.18 -4.70
N ALA A 279 8.21 0.90 -4.42
CA ALA A 279 7.55 0.20 -3.31
C ALA A 279 8.26 -1.13 -3.13
N PHE A 280 7.88 -1.84 -2.05
CA PHE A 280 8.21 -3.25 -1.87
C PHE A 280 9.69 -3.51 -1.59
N GLY A 281 10.46 -2.48 -1.25
CA GLY A 281 11.87 -2.65 -0.97
C GLY A 281 12.75 -3.02 -2.13
N LYS A 282 12.25 -2.88 -3.36
CA LYS A 282 13.00 -3.26 -4.55
C LYS A 282 14.13 -2.28 -4.82
N TYR A 283 13.94 -1.01 -4.47
CA TYR A 283 14.92 0.03 -4.72
C TYR A 283 15.23 0.76 -3.42
N LEU A 284 16.47 1.25 -3.31
CA LEU A 284 16.82 2.24 -2.31
C LEU A 284 16.95 3.60 -2.97
N GLY A 285 16.11 4.54 -2.57
CA GLY A 285 16.28 5.91 -3.02
C GLY A 285 17.59 6.49 -2.55
N TYR A 286 18.19 7.34 -3.40
CA TYR A 286 19.51 7.90 -3.15
C TYR A 286 19.57 9.28 -3.79
N LEU A 287 19.56 10.32 -2.97
CA LEU A 287 19.58 11.69 -3.43
C LEU A 287 20.71 12.43 -2.73
N LYS A 288 21.59 13.05 -3.51
CA LYS A 288 22.63 13.92 -2.98
C LYS A 288 22.23 15.38 -3.13
N ILE A 289 22.26 16.14 -2.03
CA ILE A 289 21.89 17.54 -2.00
CA ILE A 289 21.90 17.55 -2.03
C ILE A 289 23.12 18.34 -1.55
N GLU A 290 23.45 19.39 -2.29
CA GLU A 290 24.46 20.34 -1.85
C GLU A 290 23.77 21.57 -1.32
N PHE A 291 24.12 21.98 -0.11
CA PHE A 291 23.57 23.14 0.55
C PHE A 291 24.65 24.20 0.73
N ASP A 292 24.26 25.46 0.61
CA ASP A 292 25.15 26.53 1.02
C ASP A 292 25.02 26.77 2.52
N GLU A 293 25.78 27.75 3.01
CA GLU A 293 25.89 28.01 4.44
C GLU A 293 24.56 28.45 5.04
N ARG A 294 23.66 29.01 4.25
CA ARG A 294 22.36 29.44 4.71
C ARG A 294 21.29 28.39 4.49
N GLY A 295 21.66 27.19 4.07
CA GLY A 295 20.70 26.13 3.87
C GLY A 295 19.98 26.17 2.56
N ASN A 296 20.43 26.99 1.61
CA ASN A 296 19.84 26.97 0.27
C ASN A 296 20.40 25.79 -0.52
N VAL A 297 19.55 25.19 -1.32
CA VAL A 297 19.96 24.05 -2.13
C VAL A 297 20.70 24.56 -3.36
N ILE A 298 21.97 24.16 -3.49
CA ILE A 298 22.79 24.48 -4.65
C ILE A 298 22.55 23.51 -5.80
N SER A 299 22.38 22.23 -5.47
CA SER A 299 22.21 21.20 -6.49
C SER A 299 21.59 19.98 -5.84
N SER A 300 20.96 19.17 -6.67
CA SER A 300 20.45 17.88 -6.23
C SER A 300 20.51 16.90 -7.38
N HIS A 301 20.97 15.68 -7.11
CA HIS A 301 21.01 14.66 -8.14
C HIS A 301 21.02 13.29 -7.46
N GLY A 302 20.62 12.29 -8.22
CA GLY A 302 20.74 10.92 -7.74
C GLY A 302 19.90 9.99 -8.59
N ASN A 303 19.53 8.87 -7.98
CA ASN A 303 18.69 7.88 -8.65
C ASN A 303 18.44 6.76 -7.66
N PRO A 304 17.29 6.12 -7.70
CA PRO A 304 17.09 4.91 -6.89
C PRO A 304 18.06 3.83 -7.36
N ILE A 305 18.52 3.02 -6.41
CA ILE A 305 19.43 1.91 -6.67
C ILE A 305 18.61 0.63 -6.63
N LEU A 306 18.64 -0.12 -7.74
CA LEU A 306 17.95 -1.41 -7.80
C LEU A 306 18.69 -2.39 -6.90
N LEU A 307 17.96 -2.98 -5.95
CA LEU A 307 18.58 -3.92 -5.00
C LEU A 307 18.49 -5.33 -5.57
N ASP A 308 19.31 -5.59 -6.59
CA ASP A 308 19.30 -6.86 -7.29
C ASP A 308 20.32 -7.82 -6.67
N SER A 309 20.39 -9.02 -7.25
CA SER A 309 21.19 -10.08 -6.64
CA SER A 309 21.20 -10.09 -6.67
C SER A 309 22.69 -9.82 -6.73
N SER A 310 23.13 -8.80 -7.47
CA SER A 310 24.56 -8.48 -7.44
C SER A 310 24.98 -7.92 -6.09
N ILE A 311 24.03 -7.49 -5.26
CA ILE A 311 24.31 -7.00 -3.92
C ILE A 311 24.07 -8.15 -2.96
N PRO A 312 25.07 -8.62 -2.21
CA PRO A 312 24.83 -9.76 -1.31
C PRO A 312 23.93 -9.39 -0.14
N GLU A 313 23.10 -10.34 0.27
CA GLU A 313 22.35 -10.22 1.50
C GLU A 313 23.31 -10.27 2.68
N ASP A 314 23.18 -9.34 3.61
CA ASP A 314 24.03 -9.35 4.79
C ASP A 314 23.85 -10.66 5.56
N PRO A 315 24.92 -11.41 5.83
CA PRO A 315 24.71 -12.72 6.47
C PRO A 315 24.03 -12.66 7.83
N SER A 316 24.36 -11.66 8.65
CA SER A 316 23.79 -11.59 10.00
CA SER A 316 23.78 -11.61 9.99
C SER A 316 22.30 -11.24 9.94
N ILE A 317 21.93 -10.24 9.13
CA ILE A 317 20.51 -9.93 9.00
C ILE A 317 19.78 -11.13 8.42
N LYS A 318 20.38 -11.79 7.43
CA LYS A 318 19.71 -12.94 6.81
C LYS A 318 19.47 -14.05 7.82
N ALA A 319 20.45 -14.33 8.68
CA ALA A 319 20.27 -15.36 9.69
C ALA A 319 19.18 -14.98 10.68
N ASP A 320 19.07 -13.69 11.02
CA ASP A 320 17.99 -13.24 11.89
C ASP A 320 16.64 -13.40 11.21
N ILE A 321 16.55 -13.02 9.94
CA ILE A 321 15.34 -13.22 9.15
C ILE A 321 14.94 -14.68 9.17
N ASN A 322 15.91 -15.58 8.93
CA ASN A 322 15.59 -17.00 8.90
C ASN A 322 15.10 -17.51 10.25
N LYS A 323 15.64 -16.96 11.35
CA LYS A 323 15.14 -17.33 12.68
C LYS A 323 13.68 -16.88 12.86
N TRP A 324 13.40 -15.62 12.53
CA TRP A 324 12.03 -15.10 12.62
C TRP A 324 11.06 -15.87 11.73
N ARG A 325 11.55 -16.48 10.66
CA ARG A 325 10.66 -17.16 9.74
C ARG A 325 10.04 -18.41 10.35
N ILE A 326 10.64 -18.97 11.39
CA ILE A 326 10.13 -20.22 11.95
C ILE A 326 8.68 -20.06 12.39
N LYS A 327 8.37 -18.97 13.11
CA LYS A 327 6.99 -18.77 13.55
C LYS A 327 6.04 -18.55 12.39
N LEU A 328 6.53 -18.00 11.27
CA LEU A 328 5.68 -17.86 10.09
C LEU A 328 5.36 -19.22 9.49
N ASP A 329 6.36 -20.09 9.39
CA ASP A 329 6.11 -21.43 8.87
C ASP A 329 5.12 -22.16 9.76
N ASP A 330 5.28 -22.04 11.08
CA ASP A 330 4.35 -22.69 12.01
C ASP A 330 2.95 -22.16 11.84
N TYR A 331 2.80 -20.83 11.72
CA TYR A 331 1.49 -20.24 11.58
C TYR A 331 0.80 -20.68 10.29
N SER A 332 1.58 -20.89 9.23
CA SER A 332 0.99 -21.10 7.92
CA SER A 332 1.02 -21.12 7.89
C SER A 332 0.16 -22.37 7.83
N THR A 333 0.33 -23.32 8.76
CA THR A 333 -0.43 -24.56 8.74
C THR A 333 -1.45 -24.66 9.87
N GLN A 334 -1.63 -23.59 10.64
CA GLN A 334 -2.64 -23.57 11.69
C GLN A 334 -4.03 -23.31 11.11
N GLU A 335 -5.03 -23.87 11.77
CA GLU A 335 -6.41 -23.65 11.35
C GLU A 335 -6.79 -22.19 11.60
N LEU A 336 -7.24 -21.50 10.54
CA LEU A 336 -7.78 -20.16 10.65
C LEU A 336 -9.26 -20.16 10.97
N GLY A 337 -9.96 -21.19 10.51
CA GLY A 337 -11.40 -21.29 10.60
C GLY A 337 -11.81 -22.55 9.86
N LYS A 338 -13.12 -22.70 9.69
CA LYS A 338 -13.66 -23.87 9.04
C LYS A 338 -14.63 -23.47 7.93
N THR A 339 -14.69 -24.31 6.90
CA THR A 339 -15.77 -24.28 5.91
C THR A 339 -16.54 -25.60 5.99
N ILE A 340 -17.87 -25.49 5.90
CA ILE A 340 -18.72 -26.66 5.79
C ILE A 340 -19.14 -26.91 4.35
N VAL A 341 -18.70 -26.08 3.41
CA VAL A 341 -18.99 -26.24 1.99
C VAL A 341 -17.67 -26.40 1.23
N TYR A 342 -17.74 -27.12 0.12
CA TYR A 342 -16.63 -27.09 -0.83
C TYR A 342 -16.45 -25.66 -1.32
N LEU A 343 -15.22 -25.18 -1.32
CA LEU A 343 -14.89 -23.84 -1.80
C LEU A 343 -14.41 -24.01 -3.24
N ASP A 344 -15.31 -23.75 -4.17
CA ASP A 344 -15.10 -24.04 -5.58
C ASP A 344 -14.35 -22.87 -6.20
N GLY A 345 -13.02 -23.01 -6.23
CA GLY A 345 -12.12 -22.11 -6.92
C GLY A 345 -11.54 -22.73 -8.19
N SER A 346 -12.29 -23.66 -8.79
CA SER A 346 -11.85 -24.28 -10.04
C SER A 346 -12.01 -23.29 -11.18
N SER A 347 -11.18 -23.42 -12.21
CA SER A 347 -11.34 -22.56 -13.38
C SER A 347 -12.62 -22.89 -14.13
N GLN A 348 -13.01 -24.17 -14.13
CA GLN A 348 -14.21 -24.56 -14.87
C GLN A 348 -15.44 -23.89 -14.33
N SER A 349 -15.43 -23.53 -13.06
CA SER A 349 -16.50 -22.72 -12.49
C SER A 349 -16.19 -21.23 -12.59
N CYS A 350 -15.06 -20.81 -12.03
CA CYS A 350 -14.85 -19.38 -11.79
C CYS A 350 -14.54 -18.58 -13.06
N ARG A 351 -14.21 -19.23 -14.18
CA ARG A 351 -14.04 -18.53 -15.45
C ARG A 351 -15.28 -18.62 -16.34
N PHE A 352 -16.36 -19.24 -15.85
CA PHE A 352 -17.56 -19.45 -16.65
C PHE A 352 -18.84 -18.99 -15.99
N ARG A 353 -18.91 -18.90 -14.67
CA ARG A 353 -20.14 -18.54 -13.98
C ARG A 353 -19.80 -18.10 -12.56
N GLU A 354 -20.82 -17.66 -11.84
CA GLU A 354 -20.64 -17.35 -10.41
C GLU A 354 -20.09 -18.59 -9.71
N CYS A 355 -19.04 -18.40 -8.93
CA CYS A 355 -18.46 -19.50 -8.15
C CYS A 355 -18.37 -19.07 -6.69
N ASN A 356 -18.57 -20.03 -5.78
CA ASN A 356 -18.69 -19.63 -4.40
C ASN A 356 -17.36 -19.17 -3.79
N MET A 357 -16.22 -19.59 -4.34
CA MET A 357 -14.95 -19.05 -3.85
C MET A 357 -14.84 -17.58 -4.21
N GLY A 358 -15.30 -17.21 -5.40
CA GLY A 358 -15.34 -15.81 -5.79
C GLY A 358 -16.22 -14.96 -4.91
N ASN A 359 -17.40 -15.47 -4.56
CA ASN A 359 -18.27 -14.75 -3.65
C ASN A 359 -17.60 -14.56 -2.29
N LEU A 360 -16.95 -15.61 -1.78
CA LEU A 360 -16.25 -15.53 -0.50
C LEU A 360 -15.19 -14.42 -0.53
N ILE A 361 -14.37 -14.42 -1.57
CA ILE A 361 -13.27 -13.48 -1.63
C ILE A 361 -13.81 -12.06 -1.72
N CYS A 362 -14.83 -11.85 -2.57
CA CYS A 362 -15.40 -10.51 -2.67
C CYS A 362 -16.08 -10.10 -1.37
N ASP A 363 -16.73 -11.03 -0.67
CA ASP A 363 -17.32 -10.66 0.61
C ASP A 363 -16.25 -10.28 1.62
N ALA A 364 -15.11 -10.99 1.60
CA ALA A 364 -13.99 -10.63 2.46
C ALA A 364 -13.44 -9.26 2.07
N MET A 365 -13.35 -8.98 0.77
CA MET A 365 -12.88 -7.68 0.31
C MET A 365 -13.76 -6.55 0.84
N ILE A 366 -15.08 -6.71 0.76
CA ILE A 366 -15.96 -5.66 1.26
CA ILE A 366 -15.97 -5.67 1.27
C ILE A 366 -15.83 -5.54 2.78
N ASN A 367 -15.76 -6.66 3.49
CA ASN A 367 -15.62 -6.61 4.94
C ASN A 367 -14.36 -5.88 5.36
N ASN A 368 -13.25 -6.12 4.66
CA ASN A 368 -11.98 -5.45 4.94
C ASN A 368 -12.08 -3.94 4.75
N ASN A 369 -13.01 -3.48 3.92
CA ASN A 369 -13.14 -2.06 3.61
C ASN A 369 -14.28 -1.39 4.34
N LEU A 370 -14.75 -1.97 5.44
CA LEU A 370 -15.67 -1.30 6.33
C LEU A 370 -14.89 -0.27 7.13
N ARG A 371 -15.23 1.00 6.94
CA ARG A 371 -14.54 2.10 7.57
C ARG A 371 -15.60 2.97 8.22
N HIS A 372 -15.16 3.86 9.11
CA HIS A 372 -16.13 4.69 9.80
C HIS A 372 -16.86 5.59 8.80
N ALA A 373 -18.17 5.69 8.98
CA ALA A 373 -19.03 6.35 8.02
C ALA A 373 -19.80 7.46 8.70
N ASP A 374 -20.02 8.54 7.95
CA ASP A 374 -20.98 9.58 8.31
C ASP A 374 -22.37 8.99 8.45
N GLU A 375 -23.33 9.84 8.75
CA GLU A 375 -24.72 9.48 8.56
C GLU A 375 -25.13 9.53 7.09
N MET A 376 -24.17 9.81 6.20
CA MET A 376 -24.42 9.88 4.76
C MET A 376 -24.25 8.56 4.03
N PHE A 377 -23.61 7.56 4.64
CA PHE A 377 -23.53 6.25 4.02
C PHE A 377 -23.43 5.18 5.10
N TRP A 378 -23.92 3.97 4.78
CA TRP A 378 -23.72 2.87 5.73
C TRP A 378 -22.27 2.40 5.69
N ASN A 379 -21.65 2.44 4.51
CA ASN A 379 -20.22 2.25 4.33
C ASN A 379 -19.84 2.97 3.06
N HIS A 380 -18.58 3.43 2.98
CA HIS A 380 -18.20 4.23 1.81
C HIS A 380 -18.08 3.41 0.54
N VAL A 381 -17.94 2.09 0.65
CA VAL A 381 -17.83 1.22 -0.51
C VAL A 381 -18.67 -0.03 -0.29
N SER A 382 -19.29 -0.50 -1.37
CA SER A 382 -20.17 -1.66 -1.32
C SER A 382 -19.92 -2.69 -2.41
N MET A 383 -18.99 -2.43 -3.34
CA MET A 383 -18.89 -3.15 -4.59
C MET A 383 -17.50 -3.73 -4.77
N CYS A 384 -17.45 -4.89 -5.44
CA CYS A 384 -16.24 -5.68 -5.59
C CYS A 384 -16.27 -6.38 -6.93
N ILE A 385 -15.14 -6.37 -7.65
CA ILE A 385 -14.93 -7.23 -8.82
C ILE A 385 -13.59 -7.94 -8.68
N LEU A 386 -13.51 -9.13 -9.26
CA LEU A 386 -12.38 -10.04 -9.06
C LEU A 386 -12.25 -10.90 -10.32
N ASN A 387 -11.09 -10.85 -10.99
CA ASN A 387 -10.87 -11.71 -12.15
C ASN A 387 -10.85 -13.18 -11.73
N GLY A 388 -11.69 -13.98 -12.39
CA GLY A 388 -11.75 -15.40 -12.07
C GLY A 388 -10.44 -16.13 -12.30
N GLY A 389 -9.63 -15.65 -13.26
CA GLY A 389 -8.32 -16.20 -13.45
C GLY A 389 -7.35 -15.96 -12.32
N GLY A 390 -7.70 -15.08 -11.38
CA GLY A 390 -6.90 -14.85 -10.21
C GLY A 390 -7.21 -15.77 -9.05
N ILE A 391 -8.17 -16.65 -9.23
CA ILE A 391 -8.55 -17.65 -8.24
C ILE A 391 -7.93 -18.95 -8.72
N ARG A 392 -7.01 -19.49 -7.96
CA ARG A 392 -6.08 -20.49 -8.49
C ARG A 392 -6.22 -21.89 -7.92
N SER A 393 -7.13 -22.11 -6.97
CA SER A 393 -7.33 -23.43 -6.40
C SER A 393 -8.67 -23.46 -5.71
N PRO A 394 -9.33 -24.62 -5.65
CA PRO A 394 -10.38 -24.82 -4.65
C PRO A 394 -9.77 -25.12 -3.29
N ILE A 395 -10.64 -25.19 -2.29
CA ILE A 395 -10.32 -25.72 -0.97
C ILE A 395 -11.36 -26.75 -0.62
N ASP A 396 -10.91 -27.98 -0.39
CA ASP A 396 -11.78 -29.08 0.00
C ASP A 396 -12.14 -28.95 1.46
N GLU A 397 -13.42 -29.19 1.76
CA GLU A 397 -13.97 -29.09 3.10
C GLU A 397 -13.82 -30.36 3.91
N ARG A 398 -13.27 -31.43 3.32
CA ARG A 398 -13.29 -32.73 3.98
C ARG A 398 -12.06 -32.97 4.87
N ASN A 399 -11.23 -31.96 5.09
CA ASN A 399 -10.15 -32.05 6.08
C ASN A 399 -10.63 -31.45 7.41
N ASP A 400 -11.73 -32.02 7.89
CA ASP A 400 -12.40 -31.54 9.10
C ASP A 400 -12.84 -30.08 8.96
N GLY A 401 -13.05 -29.66 7.72
CA GLY A 401 -13.41 -28.29 7.42
C GLY A 401 -12.29 -27.28 7.52
N THR A 402 -11.10 -27.70 7.95
CA THR A 402 -10.02 -26.76 8.24
C THR A 402 -9.61 -25.96 7.00
N ILE A 403 -9.36 -24.68 7.22
CA ILE A 403 -8.70 -23.79 6.27
C ILE A 403 -7.45 -23.22 6.93
N THR A 404 -6.33 -23.30 6.23
CA THR A 404 -5.06 -22.75 6.69
C THR A 404 -4.60 -21.64 5.74
N TRP A 405 -3.64 -20.86 6.22
CA TRP A 405 -3.02 -19.84 5.38
C TRP A 405 -2.42 -20.48 4.14
N GLU A 406 -1.77 -21.62 4.31
CA GLU A 406 -1.19 -22.34 3.18
C GLU A 406 -2.25 -22.66 2.12
N ASN A 407 -3.44 -23.10 2.55
CA ASN A 407 -4.53 -23.32 1.61
C ASN A 407 -4.88 -22.03 0.85
N LEU A 408 -5.02 -20.92 1.59
CA LEU A 408 -5.37 -19.66 0.95
C LEU A 408 -4.28 -19.17 -0.01
N ALA A 409 -3.00 -19.42 0.33
CA ALA A 409 -1.92 -19.05 -0.56
C ALA A 409 -1.95 -19.83 -1.88
N ALA A 410 -2.55 -21.02 -1.88
CA ALA A 410 -2.76 -21.73 -3.14
C ALA A 410 -3.87 -21.09 -3.97
N VAL A 411 -4.89 -20.56 -3.30
CA VAL A 411 -5.97 -19.88 -4.01
C VAL A 411 -5.47 -18.55 -4.58
N LEU A 412 -4.61 -17.87 -3.83
CA LEU A 412 -4.19 -16.49 -4.10
C LEU A 412 -2.67 -16.43 -4.02
N PRO A 413 -1.98 -16.83 -5.08
CA PRO A 413 -0.52 -17.02 -5.02
C PRO A 413 0.31 -15.88 -5.59
N PHE A 414 -0.33 -14.78 -6.01
CA PHE A 414 0.36 -13.76 -6.80
C PHE A 414 0.93 -12.63 -5.97
N GLY A 415 0.65 -12.57 -4.68
CA GLY A 415 1.18 -11.50 -3.87
C GLY A 415 0.54 -10.16 -4.14
N GLY A 416 -0.75 -10.15 -4.48
CA GLY A 416 -1.42 -8.92 -4.84
C GLY A 416 -2.09 -8.26 -3.65
N THR A 417 -2.74 -7.15 -3.95
CA THR A 417 -3.51 -6.41 -2.97
C THR A 417 -4.90 -6.18 -3.51
N PHE A 418 -5.83 -5.95 -2.59
CA PHE A 418 -7.21 -5.65 -2.94
C PHE A 418 -7.39 -4.14 -2.72
N ASP A 419 -7.40 -3.41 -3.83
CA ASP A 419 -7.27 -1.96 -3.86
C ASP A 419 -8.63 -1.29 -3.97
N LEU A 420 -8.64 0.00 -3.68
CA LEU A 420 -9.84 0.83 -3.77
C LEU A 420 -9.70 1.76 -4.97
N VAL A 421 -10.68 1.73 -5.87
CA VAL A 421 -10.69 2.64 -7.02
C VAL A 421 -12.05 3.32 -7.11
N GLN A 422 -12.05 4.45 -7.83
CA GLN A 422 -13.28 5.12 -8.23
C GLN A 422 -13.43 5.01 -9.74
N LEU A 423 -14.57 4.49 -10.19
CA LEU A 423 -14.88 4.25 -11.60
C LEU A 423 -16.25 4.80 -11.93
N LYS A 424 -16.35 5.54 -13.04
CA LYS A 424 -17.67 5.85 -13.57
C LYS A 424 -18.43 4.59 -13.94
N GLY A 425 -19.77 4.66 -13.84
CA GLY A 425 -20.57 3.53 -14.25
C GLY A 425 -20.31 3.08 -15.68
N SER A 426 -20.08 4.04 -16.59
CA SER A 426 -19.76 3.67 -17.97
C SER A 426 -18.52 2.80 -18.05
N THR A 427 -17.49 3.12 -17.25
CA THR A 427 -16.27 2.32 -17.22
C THR A 427 -16.55 0.92 -16.68
N LEU A 428 -17.33 0.84 -15.60
CA LEU A 428 -17.64 -0.45 -15.02
CA LEU A 428 -17.68 -0.45 -15.02
C LEU A 428 -18.48 -1.30 -16.00
N LYS A 429 -19.42 -0.69 -16.71
CA LYS A 429 -20.17 -1.43 -17.73
C LYS A 429 -19.23 -1.96 -18.81
N LYS A 430 -18.28 -1.14 -19.26
CA LYS A 430 -17.30 -1.63 -20.24
C LYS A 430 -16.49 -2.79 -19.68
N ALA A 431 -16.17 -2.74 -18.39
CA ALA A 431 -15.45 -3.85 -17.77
C ALA A 431 -16.29 -5.12 -17.81
N PHE A 432 -17.58 -5.02 -17.51
CA PHE A 432 -18.41 -6.23 -17.57
C PHE A 432 -18.61 -6.73 -18.99
N GLU A 433 -18.63 -5.86 -19.99
CA GLU A 433 -18.62 -6.34 -21.36
C GLU A 433 -17.31 -7.07 -21.67
N HIS A 434 -16.20 -6.51 -21.18
CA HIS A 434 -14.91 -7.14 -21.42
C HIS A 434 -14.85 -8.52 -20.77
N SER A 435 -15.48 -8.66 -19.60
CA SER A 435 -15.58 -9.90 -18.84
C SER A 435 -16.08 -11.08 -19.68
N VAL A 436 -16.93 -10.82 -20.68
CA VAL A 436 -17.54 -11.87 -21.48
C VAL A 436 -17.33 -11.67 -22.98
N HIS A 437 -16.40 -10.80 -23.39
CA HIS A 437 -16.29 -10.45 -24.81
C HIS A 437 -15.87 -11.63 -25.67
N ARG A 438 -15.20 -12.61 -25.10
CA ARG A 438 -14.80 -13.82 -25.81
C ARG A 438 -15.16 -15.05 -24.97
N TYR A 439 -16.33 -15.00 -24.34
CA TYR A 439 -16.75 -16.04 -23.42
C TYR A 439 -16.68 -17.41 -24.07
N GLY A 440 -16.25 -18.40 -23.28
CA GLY A 440 -16.26 -19.80 -23.68
C GLY A 440 -14.89 -20.42 -23.77
N GLN A 441 -13.82 -19.64 -23.58
CA GLN A 441 -12.46 -20.11 -23.79
C GLN A 441 -11.70 -20.30 -22.49
N SER A 442 -12.37 -20.19 -21.35
CA SER A 442 -11.70 -20.35 -20.06
C SER A 442 -10.59 -19.31 -19.88
N THR A 443 -10.91 -18.06 -20.19
CA THR A 443 -9.96 -16.97 -20.03
C THR A 443 -10.18 -16.26 -18.69
N GLY A 444 -9.13 -15.59 -18.24
CA GLY A 444 -9.09 -15.10 -16.86
C GLY A 444 -9.93 -13.88 -16.55
N GLU A 445 -10.38 -13.13 -17.56
CA GLU A 445 -11.03 -11.84 -17.32
C GLU A 445 -12.46 -11.96 -16.82
N PHE A 446 -13.07 -13.15 -16.85
CA PHE A 446 -14.43 -13.30 -16.33
C PHE A 446 -14.48 -12.87 -14.87
N LEU A 447 -15.42 -11.99 -14.54
CA LEU A 447 -15.46 -11.36 -13.23
C LEU A 447 -16.38 -12.04 -12.23
N GLN A 448 -15.83 -12.36 -11.06
CA GLN A 448 -16.60 -12.60 -9.85
C GLN A 448 -16.89 -11.27 -9.17
N VAL A 449 -17.95 -11.24 -8.35
CA VAL A 449 -18.52 -9.97 -7.91
C VAL A 449 -19.01 -10.01 -6.46
N GLY A 450 -19.12 -8.82 -5.89
CA GLY A 450 -19.85 -8.61 -4.64
C GLY A 450 -20.52 -7.24 -4.71
N GLY A 451 -21.75 -7.14 -4.21
CA GLY A 451 -22.46 -5.88 -4.25
C GLY A 451 -22.89 -5.45 -5.64
N ILE A 452 -22.87 -6.39 -6.60
CA ILE A 452 -23.23 -6.16 -7.99
C ILE A 452 -24.00 -7.38 -8.44
N HIS A 453 -25.11 -7.17 -9.14
CA HIS A 453 -25.86 -8.24 -9.77
C HIS A 453 -25.86 -7.96 -11.26
N VAL A 454 -25.33 -8.89 -12.04
CA VAL A 454 -25.20 -8.71 -13.48
C VAL A 454 -25.93 -9.84 -14.19
N VAL A 455 -26.55 -9.52 -15.32
CA VAL A 455 -27.18 -10.50 -16.20
C VAL A 455 -26.57 -10.31 -17.57
N TYR A 456 -26.07 -11.41 -18.15
CA TYR A 456 -25.55 -11.38 -19.50
C TYR A 456 -26.50 -12.10 -20.45
N ASP A 457 -26.51 -11.67 -21.70
CA ASP A 457 -27.14 -12.42 -22.79
C ASP A 457 -26.06 -12.68 -23.84
N LEU A 458 -25.52 -13.90 -23.82
CA LEU A 458 -24.38 -14.24 -24.65
C LEU A 458 -24.75 -14.36 -26.13
N SER A 459 -26.03 -14.33 -26.46
CA SER A 459 -26.43 -14.34 -27.87
C SER A 459 -26.24 -12.97 -28.51
N ARG A 460 -26.06 -11.93 -27.71
CA ARG A 460 -25.83 -10.60 -28.27
C ARG A 460 -24.37 -10.46 -28.69
N LYS A 461 -24.08 -9.39 -29.43
CA LYS A 461 -22.73 -9.17 -29.92
C LYS A 461 -21.80 -8.80 -28.77
N PRO A 462 -20.53 -9.18 -28.85
CA PRO A 462 -19.55 -8.68 -27.88
C PRO A 462 -19.63 -7.17 -27.76
N GLY A 463 -19.54 -6.69 -26.52
CA GLY A 463 -19.73 -5.28 -26.23
C GLY A 463 -21.15 -4.89 -25.92
N ASP A 464 -22.11 -5.79 -26.14
CA ASP A 464 -23.52 -5.49 -25.93
C ASP A 464 -24.20 -6.67 -25.24
N ARG A 465 -23.45 -7.39 -24.42
CA ARG A 465 -23.93 -8.59 -23.76
C ARG A 465 -24.47 -8.34 -22.36
N VAL A 466 -24.16 -7.20 -21.75
CA VAL A 466 -24.69 -6.88 -20.43
C VAL A 466 -26.11 -6.35 -20.59
N VAL A 467 -27.09 -7.10 -20.09
CA VAL A 467 -28.49 -6.70 -20.21
C VAL A 467 -29.09 -6.22 -18.90
N LYS A 468 -28.43 -6.45 -17.77
CA LYS A 468 -28.86 -5.89 -16.51
C LYS A 468 -27.63 -5.75 -15.64
N LEU A 469 -27.52 -4.63 -14.94
CA LEU A 469 -26.38 -4.37 -14.07
C LEU A 469 -26.88 -3.50 -12.92
N ASP A 470 -27.04 -4.10 -11.75
CA ASP A 470 -27.53 -3.42 -10.57
C ASP A 470 -26.45 -3.44 -9.51
N VAL A 471 -26.41 -2.39 -8.70
CA VAL A 471 -25.33 -2.19 -7.74
C VAL A 471 -25.90 -1.83 -6.38
N LEU A 472 -25.21 -2.26 -5.34
CA LEU A 472 -25.61 -1.99 -3.96
C LEU A 472 -25.34 -0.53 -3.59
N CYS A 473 -26.35 0.16 -3.08
CA CYS A 473 -26.16 1.56 -2.73
C CYS A 473 -25.20 1.70 -1.54
N THR A 474 -24.54 2.86 -1.46
CA THR A 474 -23.78 3.24 -0.28
C THR A 474 -24.43 4.38 0.49
N SER A 475 -24.98 5.35 -0.23
CA SER A 475 -25.61 6.52 0.36
C SER A 475 -27.06 6.17 0.67
N CYS A 476 -27.21 5.33 1.68
CA CYS A 476 -28.48 4.73 2.03
C CYS A 476 -28.30 4.09 3.39
N ARG A 477 -29.36 4.10 4.18
CA ARG A 477 -29.31 3.48 5.49
C ARG A 477 -29.64 2.01 5.44
N VAL A 478 -30.42 1.58 4.45
CA VAL A 478 -30.71 0.18 4.20
C VAL A 478 -30.08 -0.16 2.85
N PRO A 479 -29.06 -1.02 2.81
CA PRO A 479 -28.46 -1.36 1.51
C PRO A 479 -29.45 -2.10 0.63
N SER A 480 -29.54 -1.66 -0.62
CA SER A 480 -30.39 -2.27 -1.61
C SER A 480 -29.80 -1.99 -2.99
N TYR A 481 -30.28 -2.73 -3.98
CA TYR A 481 -29.73 -2.65 -5.34
C TYR A 481 -30.52 -1.68 -6.19
N ASP A 482 -29.79 -0.89 -6.98
CA ASP A 482 -30.36 0.01 -7.97
C ASP A 482 -29.63 -0.18 -9.29
N PRO A 483 -30.25 0.20 -10.40
CA PRO A 483 -29.54 0.12 -11.68
C PRO A 483 -28.28 0.98 -11.67
N LEU A 484 -27.23 0.47 -12.30
CA LEU A 484 -26.02 1.23 -12.47
CA LEU A 484 -26.01 1.22 -12.49
C LEU A 484 -26.29 2.45 -13.34
N LYS A 485 -25.70 3.57 -12.96
CA LYS A 485 -25.86 4.84 -13.67
C LYS A 485 -24.55 5.17 -14.36
N MET A 486 -24.63 5.55 -15.64
CA MET A 486 -23.42 5.66 -16.45
C MET A 486 -22.51 6.80 -16.01
N ASP A 487 -23.08 7.90 -15.49
CA ASP A 487 -22.30 9.07 -15.10
C ASP A 487 -21.86 9.05 -13.65
N GLU A 488 -22.45 8.19 -12.84
CA GLU A 488 -22.11 8.17 -11.42
C GLU A 488 -20.77 7.49 -11.22
N VAL A 489 -20.01 7.99 -10.23
CA VAL A 489 -18.71 7.44 -9.90
C VAL A 489 -18.90 6.50 -8.72
N TYR A 490 -18.47 5.26 -8.89
CA TYR A 490 -18.61 4.24 -7.86
C TYR A 490 -17.26 3.88 -7.29
N LYS A 491 -17.23 3.65 -5.97
CA LYS A 491 -16.08 3.01 -5.37
C LYS A 491 -16.17 1.50 -5.57
N VAL A 492 -15.05 0.91 -5.95
CA VAL A 492 -14.98 -0.54 -6.19
C VAL A 492 -13.69 -1.05 -5.57
N ILE A 493 -13.78 -2.20 -4.92
CA ILE A 493 -12.61 -2.93 -4.45
CA ILE A 493 -12.61 -2.94 -4.45
C ILE A 493 -12.28 -3.97 -5.51
N LEU A 494 -11.02 -4.02 -5.93
CA LEU A 494 -10.61 -4.98 -6.95
C LEU A 494 -9.11 -5.23 -6.83
N PRO A 495 -8.61 -6.31 -7.43
CA PRO A 495 -7.17 -6.60 -7.35
C PRO A 495 -6.32 -5.51 -7.98
N ASN A 496 -5.15 -5.26 -7.41
N ASN A 496 -5.18 -5.24 -7.37
CA ASN A 496 -4.22 -4.32 -8.03
CA ASN A 496 -4.20 -4.37 -8.00
C ASN A 496 -3.90 -4.75 -9.46
C ASN A 496 -3.99 -4.75 -9.46
N PHE A 497 -3.95 -6.05 -9.74
CA PHE A 497 -3.72 -6.53 -11.10
C PHE A 497 -4.71 -5.92 -12.08
N LEU A 498 -5.98 -5.79 -11.67
CA LEU A 498 -6.99 -5.18 -12.53
C LEU A 498 -6.90 -3.66 -12.53
N ALA A 499 -6.62 -3.04 -11.39
CA ALA A 499 -6.48 -1.58 -11.35
C ALA A 499 -5.40 -1.11 -12.29
N ASN A 500 -4.37 -1.93 -12.50
CA ASN A 500 -3.26 -1.63 -13.40
C ASN A 500 -3.52 -2.07 -14.83
N GLY A 501 -4.73 -2.50 -15.16
CA GLY A 501 -5.07 -2.85 -16.53
C GLY A 501 -4.77 -4.28 -16.93
N GLY A 502 -4.52 -5.16 -15.97
CA GLY A 502 -4.32 -6.57 -16.28
C GLY A 502 -5.54 -7.20 -16.91
N ASP A 503 -5.31 -8.33 -17.57
CA ASP A 503 -6.38 -9.11 -18.20
C ASP A 503 -7.12 -8.31 -19.27
N GLY A 504 -6.46 -7.31 -19.84
CA GLY A 504 -7.07 -6.50 -20.88
C GLY A 504 -8.03 -5.44 -20.39
N PHE A 505 -8.13 -5.21 -19.08
CA PHE A 505 -9.01 -4.17 -18.52
C PHE A 505 -8.36 -2.79 -18.64
N GLN A 506 -8.01 -2.43 -19.87
CA GLN A 506 -7.34 -1.14 -20.08
C GLN A 506 -8.26 0.01 -19.71
N MET A 507 -9.57 -0.17 -19.88
CA MET A 507 -10.51 0.88 -19.51
C MET A 507 -10.43 1.21 -18.03
N ILE A 508 -10.16 0.23 -17.17
CA ILE A 508 -10.04 0.53 -15.74
C ILE A 508 -8.84 1.44 -15.50
N LYS A 509 -7.67 1.04 -16.01
CA LYS A 509 -6.46 1.83 -15.82
C LYS A 509 -6.63 3.25 -16.38
N ASP A 510 -7.19 3.35 -17.57
CA ASP A 510 -7.20 4.61 -18.29
C ASP A 510 -8.29 5.55 -17.82
N GLU A 511 -9.37 5.03 -17.23
CA GLU A 511 -10.53 5.85 -16.90
C GLU A 511 -10.77 6.02 -15.41
N LEU A 512 -10.04 5.31 -14.57
CA LEU A 512 -10.28 5.43 -13.13
C LEU A 512 -9.94 6.84 -12.66
N LEU A 513 -10.65 7.25 -11.61
CA LEU A 513 -10.53 8.60 -11.08
CA LEU A 513 -10.53 8.60 -11.08
C LEU A 513 -9.73 8.65 -9.78
N ARG A 514 -9.53 7.52 -9.12
CA ARG A 514 -8.79 7.45 -7.87
C ARG A 514 -8.36 6.00 -7.73
N HIS A 515 -7.17 5.78 -7.16
CA HIS A 515 -6.65 4.45 -6.93
C HIS A 515 -5.77 4.51 -5.70
N ASP A 516 -6.07 3.67 -4.71
CA ASP A 516 -5.26 3.54 -3.51
C ASP A 516 -5.01 2.06 -3.23
N SER A 517 -3.77 1.75 -2.88
CA SER A 517 -3.39 0.36 -2.68
CA SER A 517 -3.36 0.37 -2.66
C SER A 517 -3.92 -0.13 -1.34
N GLY A 518 -4.49 -1.34 -1.35
CA GLY A 518 -5.10 -1.92 -0.19
C GLY A 518 -4.29 -3.04 0.43
N ASP A 519 -4.98 -3.89 1.17
CA ASP A 519 -4.33 -4.91 1.98
C ASP A 519 -3.96 -6.13 1.14
N GLN A 520 -3.03 -6.93 1.67
CA GLN A 520 -2.62 -8.14 0.98
C GLN A 520 -3.80 -9.07 0.75
N ASP A 521 -3.87 -9.64 -0.46
CA ASP A 521 -4.99 -10.49 -0.84
C ASP A 521 -5.22 -11.65 0.13
N ILE A 522 -4.18 -12.45 0.42
CA ILE A 522 -4.39 -13.57 1.34
C ILE A 522 -4.86 -13.07 2.70
N ASN A 523 -4.24 -12.00 3.20
CA ASN A 523 -4.54 -11.51 4.54
C ASN A 523 -5.99 -11.06 4.64
N VAL A 524 -6.51 -10.43 3.58
CA VAL A 524 -7.93 -10.03 3.57
C VAL A 524 -8.82 -11.25 3.78
N VAL A 525 -8.54 -12.33 3.07
CA VAL A 525 -9.41 -13.50 3.16
C VAL A 525 -9.20 -14.21 4.48
N SER A 526 -7.95 -14.30 4.94
CA SER A 526 -7.66 -14.98 6.19
CA SER A 526 -7.64 -14.96 6.20
C SER A 526 -8.35 -14.29 7.37
N THR A 527 -8.28 -12.96 7.43
CA THR A 527 -8.93 -12.22 8.52
C THR A 527 -10.44 -12.45 8.51
N TYR A 528 -11.06 -12.44 7.34
CA TYR A 528 -12.49 -12.65 7.25
C TYR A 528 -12.88 -14.05 7.71
N ILE A 529 -12.15 -15.07 7.26
CA ILE A 529 -12.45 -16.43 7.69
C ILE A 529 -12.29 -16.54 9.21
N SER A 530 -11.24 -15.94 9.75
CA SER A 530 -11.03 -16.01 11.20
C SER A 530 -12.18 -15.34 11.94
N LYS A 531 -12.65 -14.20 11.44
CA LYS A 531 -13.77 -13.51 12.08
CA LYS A 531 -13.77 -13.51 12.08
C LYS A 531 -15.04 -14.35 12.02
N MET A 532 -15.32 -14.97 10.88
CA MET A 532 -16.56 -15.70 10.69
C MET A 532 -16.56 -17.05 11.39
N LYS A 533 -15.39 -17.65 11.58
CA LYS A 533 -15.20 -18.95 12.24
C LYS A 533 -15.67 -20.14 11.42
N VAL A 534 -16.90 -20.09 10.93
CA VAL A 534 -17.44 -21.15 10.09
C VAL A 534 -18.10 -20.48 8.90
N ILE A 535 -17.68 -20.86 7.69
CA ILE A 535 -18.21 -20.24 6.49
C ILE A 535 -18.94 -21.27 5.64
N TYR A 536 -19.89 -20.77 4.85
CA TYR A 536 -20.72 -21.58 3.97
C TYR A 536 -21.20 -20.78 2.77
N PRO A 537 -20.29 -20.16 2.01
CA PRO A 537 -20.71 -19.34 0.86
C PRO A 537 -21.47 -20.14 -0.19
N ALA A 538 -22.54 -19.55 -0.68
CA ALA A 538 -23.40 -20.14 -1.69
C ALA A 538 -23.21 -19.43 -3.02
N VAL A 539 -23.65 -20.09 -4.09
CA VAL A 539 -23.87 -19.44 -5.39
C VAL A 539 -25.32 -18.97 -5.35
N GLU A 540 -25.54 -17.67 -5.54
CA GLU A 540 -26.82 -17.08 -5.15
C GLU A 540 -27.47 -16.20 -6.21
N GLY A 541 -26.94 -16.15 -7.42
CA GLY A 541 -27.54 -15.34 -8.46
C GLY A 541 -26.93 -13.99 -8.66
N ARG A 542 -25.72 -13.76 -8.16
CA ARG A 542 -25.05 -12.50 -8.44
C ARG A 542 -24.75 -12.36 -9.93
N ILE A 543 -24.51 -13.46 -10.62
CA ILE A 543 -24.24 -13.47 -12.06
C ILE A 543 -25.22 -14.44 -12.69
N LYS A 544 -26.00 -13.96 -13.65
CA LYS A 544 -26.91 -14.81 -14.39
C LYS A 544 -26.75 -14.63 -15.88
N PHE A 545 -27.18 -15.66 -16.61
CA PHE A 545 -27.19 -15.68 -18.06
C PHE A 545 -28.62 -15.84 -18.55
N SER A 546 -29.00 -15.04 -19.52
CA SER A 546 -30.36 -15.12 -20.03
C SER A 546 -30.33 -15.91 -21.31
ZN ZN B . -0.02 4.43 1.56
ZN ZN C . 1.50 1.82 0.41
PB AP2 D . -1.07 -19.29 -16.56
O1B AP2 D . -1.45 -19.55 -15.14
O2B AP2 D . -0.67 -17.84 -16.86
O3B AP2 D . 0.07 -20.23 -17.04
C3A AP2 D . -2.39 -19.57 -17.73
PA AP2 D . -3.97 -19.51 -16.94
O1A AP2 D . -4.30 -20.56 -15.91
O2A AP2 D . -4.96 -19.62 -18.13
O5' AP2 D . -4.03 -18.14 -16.15
C5' AP2 D . -3.75 -16.77 -16.57
C4' AP2 D . -4.60 -15.84 -15.72
O4' AP2 D . -3.99 -15.65 -14.43
C3' AP2 D . -4.80 -14.41 -16.23
O3' AP2 D . -5.80 -14.35 -17.25
C2' AP2 D . -5.22 -13.67 -14.95
O2' AP2 D . -6.61 -13.74 -14.63
C1' AP2 D . -4.43 -14.43 -13.86
N9 AP2 D . -3.27 -13.70 -13.39
C8 AP2 D . -2.00 -13.71 -13.91
N7 AP2 D . -1.15 -12.97 -13.25
C5 AP2 D . -1.90 -12.42 -12.23
C6 AP2 D . -1.58 -11.56 -11.17
N6 AP2 D . -0.37 -11.03 -10.98
N1 AP2 D . -2.57 -11.23 -10.32
C2 AP2 D . -3.80 -11.71 -10.52
N3 AP2 D . -4.22 -12.52 -11.49
C4 AP2 D . -3.22 -12.86 -12.31
HOB2 AP2 D . 0.29 -17.58 -16.94
HOB3 AP2 D . 0.64 -20.69 -16.37
H3A1 AP2 D . -2.33 -18.85 -18.55
H3A2 AP2 D . -2.24 -20.50 -18.27
HOA2 AP2 D . -5.00 -20.47 -18.65
H5'1 AP2 D . -2.70 -16.50 -16.45
H5'2 AP2 D . -4.00 -16.61 -17.62
H4' AP2 D . -5.55 -16.33 -15.55
H3' AP2 D . -3.94 -13.97 -16.71
H2' AP2 D . -4.94 -12.63 -15.06
HO2' AP2 D . -7.10 -13.41 -15.43
H1' AP2 D . -5.04 -14.72 -13.01
H8 AP2 D . -1.73 -14.29 -14.80
HN61 AP2 D . 0.21 -11.35 -10.20
HN62 AP2 D . -0.03 -10.31 -11.59
H2 AP2 D . -4.54 -11.40 -9.79
NA NA E . -0.76 10.78 -6.13
CA CA F . 16.78 25.72 3.45
#